data_1BDG
#
_entry.id   1BDG
#
_cell.length_a   114.300
_cell.length_b   114.300
_cell.length_c   155.200
_cell.angle_alpha   90.00
_cell.angle_beta   90.00
_cell.angle_gamma   120.00
#
_symmetry.space_group_name_H-M   'P 61 2 2'
#
loop_
_entity.id
_entity.type
_entity.pdbx_description
1 polymer HEXOKINASE
2 non-polymer alpha-D-glucopyranose
3 non-polymer 'SULFATE ION'
4 water water
#
_entity_poly.entity_id   1
_entity_poly.type   'polypeptide(L)'
_entity_poly.pdbx_seq_one_letter_code
;MVFSDQQLFEKVVEILKPFDLSVVDYEEICDRMGESMRLGLQKSTNEKSSIKMFPSYVTKTPNGTETGNFLALDLGGTNY
RVLSVTLEGKGKSPRIQERTYCIPAEKMSGSGTELFKYIAETLADFLENNGMKDKKFDLGFTFSFPCVQKGLTHATLVRW
TKGFSADGVEGHNVAELLQTELDKRELNVKCVAVVNDTVGTLASCALEDPKCAVGLIVGTGTNVAYIEDSSKVELMDGVK
EPEVVINTEWGAFGEKGELDCWRTQFDKSMDIDSLHPGKQLYEKMVSGMYLGELVRHIIVYLVEQKILFRGDLPERLKVR
NSLLTRYLTDVERDPAHLLYNTHYMLTDDLHVPVVEPIDNRIVRYACEMVVKRAAYLAGAGIACILRRINRSEVTVGVDG
SLYKFHPKFCERMTDMVDKLKPKNTRFCLRLSEDGSGKGAAAIAASCTRQN
;
_entity_poly.pdbx_strand_id   A
#
# COMPACT_ATOMS: atom_id res chain seq x y z
N PHE A 3 4.86 -5.22 -40.52
CA PHE A 3 5.75 -6.39 -40.80
C PHE A 3 5.01 -7.66 -40.39
N SER A 4 5.76 -8.72 -40.11
CA SER A 4 5.13 -9.95 -39.69
C SER A 4 4.64 -9.69 -38.29
N ASP A 5 3.63 -10.43 -37.85
CA ASP A 5 3.15 -10.28 -36.50
C ASP A 5 4.32 -10.65 -35.61
N GLN A 6 4.99 -11.74 -35.94
CA GLN A 6 6.16 -12.18 -35.18
C GLN A 6 7.15 -11.01 -35.08
N GLN A 7 7.41 -10.34 -36.18
CA GLN A 7 8.34 -9.20 -36.19
C GLN A 7 7.86 -8.11 -35.21
N LEU A 8 6.57 -7.78 -35.24
CA LEU A 8 6.01 -6.76 -34.36
C LEU A 8 6.20 -7.14 -32.91
N PHE A 9 5.97 -8.41 -32.60
CA PHE A 9 6.13 -8.88 -31.23
C PHE A 9 7.57 -8.75 -30.76
N GLU A 10 8.53 -9.07 -31.61
CA GLU A 10 9.94 -8.95 -31.22
C GLU A 10 10.34 -7.50 -30.91
N LYS A 11 9.58 -6.53 -31.42
CA LYS A 11 9.85 -5.12 -31.13
C LYS A 11 9.40 -4.87 -29.69
N VAL A 12 8.20 -5.36 -29.37
CA VAL A 12 7.65 -5.20 -28.03
C VAL A 12 8.62 -5.81 -27.01
N VAL A 13 9.27 -6.90 -27.37
CA VAL A 13 10.21 -7.50 -26.44
C VAL A 13 11.38 -6.56 -26.15
N GLU A 14 11.94 -6.00 -27.22
CA GLU A 14 13.09 -5.10 -27.14
C GLU A 14 12.77 -3.81 -26.36
N ILE A 15 11.56 -3.31 -26.52
CA ILE A 15 11.12 -2.08 -25.86
C ILE A 15 10.88 -2.35 -24.37
N LEU A 16 10.24 -3.47 -24.07
CA LEU A 16 9.94 -3.85 -22.69
C LEU A 16 11.08 -4.57 -21.98
N LYS A 17 12.22 -4.71 -22.66
CA LYS A 17 13.37 -5.37 -22.05
C LYS A 17 13.85 -4.69 -20.75
N PRO A 18 13.81 -3.35 -20.67
CA PRO A 18 14.27 -2.71 -19.44
C PRO A 18 13.48 -3.09 -18.20
N PHE A 19 12.35 -3.78 -18.39
CA PHE A 19 11.51 -4.26 -17.28
C PHE A 19 11.98 -5.63 -16.82
N ASP A 20 12.65 -6.36 -17.71
CA ASP A 20 13.15 -7.70 -17.42
C ASP A 20 14.41 -7.66 -16.54
N LEU A 21 14.23 -7.44 -15.24
CA LEU A 21 15.34 -7.37 -14.29
C LEU A 21 15.83 -8.73 -13.86
N SER A 22 17.09 -8.75 -13.42
CA SER A 22 17.79 -9.96 -13.00
C SER A 22 17.82 -10.14 -11.49
N VAL A 23 18.05 -11.34 -11.00
CA VAL A 23 18.15 -11.56 -9.55
C VAL A 23 19.21 -10.61 -9.00
N VAL A 24 20.23 -10.33 -9.81
CA VAL A 24 21.28 -9.44 -9.34
C VAL A 24 20.70 -8.04 -9.18
N ASP A 25 19.81 -7.63 -10.08
CA ASP A 25 19.24 -6.30 -9.98
C ASP A 25 18.54 -6.16 -8.64
N TYR A 26 17.66 -7.11 -8.32
CA TYR A 26 16.92 -7.07 -7.07
C TYR A 26 17.84 -7.11 -5.85
N GLU A 27 18.89 -7.94 -5.90
CA GLU A 27 19.85 -7.99 -4.79
C GLU A 27 20.28 -6.55 -4.49
N GLU A 28 20.53 -5.78 -5.54
CA GLU A 28 20.94 -4.39 -5.42
C GLU A 28 19.86 -3.45 -4.90
N ILE A 29 18.68 -3.47 -5.50
CA ILE A 29 17.59 -2.60 -5.02
C ILE A 29 17.53 -2.82 -3.50
N CYS A 30 17.39 -4.09 -3.12
CA CYS A 30 17.36 -4.48 -1.72
C CYS A 30 18.54 -3.92 -0.95
N ASP A 31 19.74 -4.06 -1.51
CA ASP A 31 20.99 -3.57 -0.90
C ASP A 31 20.95 -2.07 -0.66
N ARG A 32 20.55 -1.32 -1.67
CA ARG A 32 20.42 0.15 -1.59
C ARG A 32 19.30 0.50 -0.59
N MET A 33 18.19 -0.23 -0.66
CA MET A 33 17.07 -0.01 0.22
C MET A 33 17.53 -0.11 1.68
N GLY A 34 18.12 -1.25 2.04
CA GLY A 34 18.61 -1.44 3.39
C GLY A 34 19.55 -0.31 3.77
N GLU A 35 20.36 0.14 2.82
CA GLU A 35 21.28 1.24 3.08
C GLU A 35 20.47 2.48 3.53
N SER A 36 19.30 2.73 2.91
CA SER A 36 18.46 3.89 3.25
C SER A 36 17.73 3.80 4.57
N MET A 37 17.19 2.63 4.90
CA MET A 37 16.49 2.46 6.15
C MET A 37 17.38 2.73 7.35
N ARG A 38 18.61 2.21 7.37
CA ARG A 38 19.48 2.48 8.51
C ARG A 38 19.87 3.96 8.57
N LEU A 39 19.89 4.64 7.42
CA LEU A 39 20.18 6.07 7.38
C LEU A 39 18.98 6.85 7.96
N GLY A 40 17.76 6.36 7.70
CA GLY A 40 16.56 7.02 8.18
C GLY A 40 16.33 6.92 9.68
N LEU A 41 16.93 5.91 10.31
CA LEU A 41 16.80 5.70 11.75
C LEU A 41 17.80 6.62 12.47
N GLN A 42 18.76 7.12 11.71
CA GLN A 42 19.78 8.00 12.25
C GLN A 42 19.34 9.46 12.15
N LYS A 43 19.57 10.21 13.22
CA LYS A 43 19.20 11.62 13.27
C LYS A 43 20.00 12.46 12.27
N SER A 44 21.31 12.26 12.25
CA SER A 44 22.16 13.04 11.35
C SER A 44 21.95 12.73 9.88
N THR A 45 21.17 11.69 9.59
CA THR A 45 20.94 11.29 8.20
C THR A 45 19.52 10.91 7.82
N ASN A 46 18.52 11.29 8.61
CA ASN A 46 17.13 10.97 8.27
C ASN A 46 16.62 11.92 7.18
N GLU A 47 16.84 13.21 7.39
CA GLU A 47 16.42 14.28 6.49
C GLU A 47 17.11 14.23 5.12
N LYS A 48 18.03 13.29 4.91
CA LYS A 48 18.66 13.21 3.62
C LYS A 48 18.42 11.82 3.04
N SER A 49 17.44 11.11 3.60
CA SER A 49 17.08 9.78 3.13
C SER A 49 15.63 9.77 2.68
N SER A 50 15.34 8.96 1.67
CA SER A 50 13.98 8.88 1.18
C SER A 50 13.13 8.00 2.09
N ILE A 51 13.75 7.02 2.74
CA ILE A 51 13.00 6.15 3.64
C ILE A 51 12.98 6.71 5.06
N LYS A 52 11.87 7.39 5.36
CA LYS A 52 11.64 8.08 6.63
C LYS A 52 11.67 7.35 7.95
N MET A 53 11.28 6.07 7.96
CA MET A 53 11.30 5.23 9.16
C MET A 53 10.61 5.85 10.37
N PHE A 54 9.40 6.37 10.17
CA PHE A 54 8.66 7.02 11.26
C PHE A 54 8.31 6.06 12.41
N PRO A 55 8.81 6.32 13.63
CA PRO A 55 8.45 5.42 14.72
C PRO A 55 6.96 5.65 14.99
N SER A 56 6.23 4.57 15.17
CA SER A 56 4.79 4.64 15.42
C SER A 56 4.44 4.73 16.92
N TYR A 57 5.45 4.57 17.78
CA TYR A 57 5.27 4.60 19.22
C TYR A 57 4.43 3.44 19.77
N VAL A 58 4.20 2.43 18.92
CA VAL A 58 3.50 1.23 19.35
C VAL A 58 4.71 0.38 19.72
N THR A 59 4.96 0.25 21.01
CA THR A 59 6.10 -0.54 21.46
C THR A 59 5.77 -2.02 21.66
N LYS A 60 4.66 -2.32 22.33
CA LYS A 60 4.27 -3.71 22.59
C LYS A 60 2.99 -4.12 21.84
N THR A 61 3.09 -5.18 21.02
CA THR A 61 1.95 -5.67 20.24
C THR A 61 0.88 -6.35 21.10
N PRO A 62 -0.40 -6.12 20.76
CA PRO A 62 -1.53 -6.71 21.48
C PRO A 62 -1.43 -8.22 21.68
N ASN A 63 -1.55 -8.61 22.94
CA ASN A 63 -1.48 -10.02 23.35
C ASN A 63 -2.82 -10.74 23.36
N GLY A 64 -3.92 -9.99 23.44
CA GLY A 64 -5.22 -10.62 23.44
C GLY A 64 -5.99 -10.52 24.75
N THR A 65 -5.32 -10.10 25.82
CA THR A 65 -5.98 -9.95 27.12
C THR A 65 -6.86 -8.69 27.13
N GLU A 66 -6.63 -7.81 26.15
CA GLU A 66 -7.37 -6.55 26.01
C GLU A 66 -8.89 -6.76 26.10
N THR A 67 -9.55 -5.90 26.88
CA THR A 67 -11.01 -5.94 27.11
C THR A 67 -11.66 -4.60 26.83
N GLY A 68 -12.90 -4.64 26.35
CA GLY A 68 -13.61 -3.41 26.03
C GLY A 68 -14.33 -3.47 24.70
N ASN A 69 -14.82 -2.31 24.26
CA ASN A 69 -15.54 -2.14 22.98
C ASN A 69 -15.02 -0.81 22.38
N PHE A 70 -14.47 -0.86 21.17
CA PHE A 70 -13.92 0.34 20.54
C PHE A 70 -14.39 0.51 19.11
N LEU A 71 -14.24 1.72 18.59
CA LEU A 71 -14.60 2.03 17.22
C LEU A 71 -13.29 2.02 16.47
N ALA A 72 -13.33 1.91 15.15
CA ALA A 72 -12.10 1.91 14.36
C ALA A 72 -12.44 2.35 12.96
N LEU A 73 -11.71 3.33 12.46
CA LEU A 73 -11.93 3.83 11.10
C LEU A 73 -10.77 3.34 10.24
N ASP A 74 -10.95 3.37 8.92
CA ASP A 74 -9.88 2.96 7.99
C ASP A 74 -9.88 4.01 6.89
N LEU A 75 -8.75 4.69 6.67
CA LEU A 75 -8.69 5.72 5.61
C LEU A 75 -7.39 5.70 4.79
N GLY A 76 -7.54 5.72 3.46
CA GLY A 76 -6.38 5.71 2.58
C GLY A 76 -6.36 4.55 1.62
N GLY A 77 -6.79 3.37 2.11
CA GLY A 77 -6.81 2.15 1.31
C GLY A 77 -7.82 2.15 0.18
N THR A 78 -8.13 0.97 -0.34
CA THR A 78 -9.08 0.80 -1.44
C THR A 78 -10.48 1.31 -1.06
N ASN A 79 -10.89 1.09 0.19
CA ASN A 79 -12.20 1.57 0.63
C ASN A 79 -12.35 1.89 2.12
N TYR A 80 -13.04 2.99 2.37
CA TYR A 80 -13.30 3.52 3.70
C TYR A 80 -14.14 2.64 4.61
N ARG A 81 -13.50 1.96 5.55
CA ARG A 81 -14.23 1.11 6.49
C ARG A 81 -14.46 1.73 7.84
N VAL A 82 -15.68 1.60 8.33
CA VAL A 82 -16.10 2.10 9.62
C VAL A 82 -16.45 0.86 10.42
N LEU A 83 -15.66 0.56 11.44
CA LEU A 83 -15.87 -0.63 12.23
C LEU A 83 -16.23 -0.40 13.69
N SER A 84 -16.45 -1.50 14.41
CA SER A 84 -16.82 -1.48 15.81
C SER A 84 -16.32 -2.80 16.34
N VAL A 85 -15.43 -2.74 17.33
CA VAL A 85 -14.85 -3.95 17.85
C VAL A 85 -15.09 -4.11 19.34
N THR A 86 -15.20 -5.37 19.75
CA THR A 86 -15.42 -5.75 21.14
C THR A 86 -14.37 -6.81 21.42
N LEU A 87 -13.54 -6.56 22.42
CA LEU A 87 -12.49 -7.50 22.78
C LEU A 87 -12.75 -7.88 24.22
N GLU A 88 -12.37 -9.10 24.58
CA GLU A 88 -12.53 -9.63 25.93
C GLU A 88 -11.52 -10.80 25.91
N GLY A 89 -10.31 -10.60 26.46
CA GLY A 89 -9.31 -11.68 26.41
C GLY A 89 -9.07 -12.52 27.66
N GLY A 91 -10.03 -14.95 26.74
CA GLY A 91 -11.49 -14.82 26.46
C GLY A 91 -11.75 -15.30 25.05
N LYS A 92 -12.70 -14.67 24.37
CA LYS A 92 -13.02 -15.11 23.02
C LYS A 92 -12.41 -14.27 21.89
N SER A 93 -12.92 -14.50 20.68
CA SER A 93 -12.47 -13.78 19.51
C SER A 93 -13.17 -12.42 19.52
N PRO A 94 -12.42 -11.34 19.24
CA PRO A 94 -13.04 -10.02 19.23
C PRO A 94 -14.24 -9.92 18.31
N ARG A 95 -15.37 -9.55 18.90
CA ARG A 95 -16.64 -9.32 18.19
C ARG A 95 -16.40 -8.10 17.31
N ILE A 96 -17.01 -8.08 16.14
CA ILE A 96 -16.83 -6.98 15.20
C ILE A 96 -18.15 -6.76 14.47
N GLN A 97 -18.27 -5.61 13.83
CA GLN A 97 -19.44 -5.22 13.05
C GLN A 97 -18.82 -4.11 12.22
N GLU A 98 -19.25 -3.94 10.97
CA GLU A 98 -18.64 -2.90 10.14
C GLU A 98 -19.39 -2.50 8.91
N ARG A 99 -18.90 -1.45 8.28
CA ARG A 99 -19.43 -0.91 7.03
C ARG A 99 -18.29 -0.33 6.18
N THR A 100 -18.61 -0.04 4.92
CA THR A 100 -17.65 0.54 3.99
C THR A 100 -18.42 1.66 3.32
N TYR A 101 -17.93 2.89 3.46
CA TYR A 101 -18.58 4.05 2.86
C TYR A 101 -17.79 4.57 1.66
N CYS A 102 -18.50 4.82 0.58
CA CYS A 102 -17.85 5.35 -0.61
C CYS A 102 -17.56 6.80 -0.29
N ILE A 103 -16.47 7.35 -0.83
CA ILE A 103 -16.12 8.74 -0.59
C ILE A 103 -16.18 9.50 -1.91
N PRO A 104 -16.89 10.64 -1.95
CA PRO A 104 -16.99 11.42 -3.19
C PRO A 104 -15.63 11.97 -3.67
N ALA A 105 -15.36 11.85 -4.95
CA ALA A 105 -14.11 12.31 -5.53
C ALA A 105 -13.70 13.69 -5.02
N GLU A 106 -14.67 14.58 -4.86
CA GLU A 106 -14.36 15.94 -4.37
C GLU A 106 -13.80 15.91 -2.94
N LYS A 107 -14.49 15.21 -2.04
CA LYS A 107 -14.06 15.12 -0.66
C LYS A 107 -12.54 14.95 -0.45
N MET A 108 -11.89 14.20 -1.35
CA MET A 108 -10.46 13.91 -1.24
C MET A 108 -9.48 14.93 -1.75
N SER A 109 -10.01 16.00 -2.33
CA SER A 109 -9.18 17.08 -2.86
C SER A 109 -9.64 18.47 -2.39
N GLY A 110 -10.77 18.55 -1.70
CA GLY A 110 -11.25 19.82 -1.21
C GLY A 110 -10.58 20.20 0.11
N SER A 111 -11.30 20.87 1.01
CA SER A 111 -10.71 21.26 2.28
C SER A 111 -10.62 20.07 3.25
N GLY A 112 -9.72 20.18 4.24
CA GLY A 112 -9.51 19.13 5.20
C GLY A 112 -10.71 18.94 6.07
N THR A 113 -11.23 20.07 6.55
CA THR A 113 -12.42 20.10 7.42
C THR A 113 -13.60 19.42 6.70
N GLU A 114 -13.68 19.62 5.39
CA GLU A 114 -14.73 19.01 4.59
C GLU A 114 -14.56 17.48 4.51
N LEU A 115 -13.32 17.00 4.38
CA LEU A 115 -13.09 15.55 4.35
C LEU A 115 -13.34 15.03 5.76
N PHE A 116 -12.66 15.61 6.76
CA PHE A 116 -12.84 15.18 8.13
C PHE A 116 -14.26 15.33 8.66
N LYS A 117 -15.01 16.21 8.01
CA LYS A 117 -16.42 16.40 8.36
C LYS A 117 -17.15 15.16 7.81
N TYR A 118 -16.87 14.84 6.53
CA TYR A 118 -17.50 13.68 5.92
C TYR A 118 -17.28 12.44 6.81
N ILE A 119 -16.04 12.23 7.23
CA ILE A 119 -15.70 11.09 8.09
C ILE A 119 -16.68 10.99 9.26
N ALA A 120 -16.81 12.07 10.02
CA ALA A 120 -17.73 12.09 11.16
C ALA A 120 -19.19 11.88 10.69
N GLU A 121 -19.63 12.64 9.67
CA GLU A 121 -20.99 12.55 9.12
C GLU A 121 -21.35 11.06 9.01
N THR A 122 -20.46 10.32 8.35
CA THR A 122 -20.57 8.88 8.11
C THR A 122 -20.63 8.02 9.37
N LEU A 123 -19.58 8.07 10.20
CA LEU A 123 -19.53 7.29 11.44
C LEU A 123 -20.82 7.44 12.26
N ALA A 124 -21.37 8.66 12.27
CA ALA A 124 -22.60 8.94 13.02
C ALA A 124 -23.74 8.04 12.55
N ASP A 125 -23.89 7.95 11.23
CA ASP A 125 -24.92 7.10 10.62
C ASP A 125 -24.83 5.70 11.22
N PHE A 126 -23.62 5.14 11.17
CA PHE A 126 -23.32 3.81 11.70
C PHE A 126 -23.77 3.71 13.15
N LEU A 127 -23.40 4.69 13.96
CA LEU A 127 -23.77 4.68 15.38
C LEU A 127 -25.28 4.73 15.56
N GLU A 128 -25.97 5.53 14.76
CA GLU A 128 -27.44 5.61 14.87
C GLU A 128 -28.06 4.29 14.40
N ASN A 129 -27.81 3.91 13.16
CA ASN A 129 -28.36 2.66 12.63
C ASN A 129 -28.15 1.41 13.53
N ASN A 130 -26.96 1.28 14.11
CA ASN A 130 -26.67 0.11 14.96
C ASN A 130 -27.26 0.32 16.36
N GLY A 131 -27.87 1.48 16.56
CA GLY A 131 -28.50 1.80 17.83
C GLY A 131 -27.54 1.86 19.00
N MET A 132 -26.43 2.57 18.82
CA MET A 132 -25.42 2.72 19.89
C MET A 132 -24.70 4.07 19.80
N LYS A 133 -25.46 5.16 19.75
CA LYS A 133 -24.88 6.50 19.66
C LYS A 133 -24.31 7.10 20.98
N ASP A 134 -25.16 7.50 21.93
CA ASP A 134 -24.71 8.09 23.21
C ASP A 134 -23.60 7.32 23.95
N LYS A 135 -23.38 6.06 23.59
CA LYS A 135 -22.34 5.28 24.26
C LYS A 135 -20.99 5.94 23.95
N LYS A 136 -20.13 5.98 24.97
CA LYS A 136 -18.80 6.57 24.86
C LYS A 136 -17.81 5.51 24.32
N PHE A 137 -16.92 5.92 23.43
CA PHE A 137 -15.97 4.99 22.83
C PHE A 137 -14.49 5.45 22.82
N ASP A 138 -13.65 4.65 22.17
CA ASP A 138 -12.22 4.95 22.00
C ASP A 138 -11.97 4.51 20.57
N LEU A 139 -11.70 5.45 19.69
CA LEU A 139 -11.51 5.15 18.29
C LEU A 139 -10.06 4.93 17.87
N GLY A 140 -9.83 3.90 17.07
CA GLY A 140 -8.51 3.61 16.56
C GLY A 140 -8.56 4.10 15.12
N PHE A 141 -7.77 5.10 14.79
CA PHE A 141 -7.74 5.67 13.44
C PHE A 141 -6.61 5.12 12.58
N THR A 142 -6.95 4.26 11.62
CA THR A 142 -5.96 3.73 10.68
C THR A 142 -5.86 4.74 9.57
N PHE A 143 -4.90 5.65 9.69
CA PHE A 143 -4.69 6.70 8.69
C PHE A 143 -3.52 6.26 7.82
N SER A 144 -3.83 5.71 6.65
CA SER A 144 -2.82 5.20 5.73
C SER A 144 -1.89 6.24 5.13
N PHE A 145 -1.24 7.07 5.93
CA PHE A 145 -0.34 8.06 5.36
C PHE A 145 0.85 8.31 6.27
N PRO A 146 1.94 8.88 5.73
CA PRO A 146 3.12 9.16 6.55
C PRO A 146 2.80 10.26 7.52
N CYS A 147 2.99 9.97 8.80
CA CYS A 147 2.75 10.92 9.89
C CYS A 147 3.91 10.83 10.88
N VAL A 148 4.22 11.94 11.51
CA VAL A 148 5.27 11.99 12.53
C VAL A 148 4.52 11.73 13.84
N GLN A 149 4.66 10.54 14.39
CA GLN A 149 3.98 10.19 15.62
C GLN A 149 4.64 10.80 16.82
N LYS A 150 3.86 11.51 17.63
CA LYS A 150 4.36 12.08 18.88
C LYS A 150 3.46 11.32 19.85
N GLY A 151 3.79 10.06 20.08
CA GLY A 151 2.95 9.23 20.92
C GLY A 151 1.86 8.77 19.98
N LEU A 152 1.03 7.81 20.42
CA LEU A 152 -0.06 7.29 19.59
C LEU A 152 -1.20 8.28 19.28
N THR A 153 -1.54 9.13 20.23
CA THR A 153 -2.64 10.06 20.02
C THR A 153 -2.41 11.28 19.14
N HIS A 154 -1.18 11.79 19.11
CA HIS A 154 -0.84 12.97 18.34
C HIS A 154 -0.08 12.55 17.09
N ALA A 155 -0.72 12.63 15.92
CA ALA A 155 -0.08 12.26 14.67
C ALA A 155 -0.14 13.42 13.71
N THR A 156 0.98 13.72 13.04
CA THR A 156 1.03 14.83 12.10
C THR A 156 1.26 14.34 10.66
N LEU A 157 0.40 14.76 9.74
CA LEU A 157 0.53 14.37 8.34
C LEU A 157 1.82 15.00 7.84
N VAL A 158 2.63 14.21 7.13
CA VAL A 158 3.87 14.71 6.54
C VAL A 158 3.51 15.11 5.12
N ARG A 159 2.77 14.25 4.43
CA ARG A 159 2.35 14.55 3.08
C ARG A 159 1.27 13.57 2.60
N TRP A 160 0.49 14.00 1.61
CA TRP A 160 -0.57 13.17 1.07
C TRP A 160 0.06 12.33 -0.02
N THR A 161 -0.22 11.03 0.01
CA THR A 161 0.27 10.14 -1.02
C THR A 161 -0.99 9.61 -1.67
N LYS A 162 -0.85 8.83 -2.74
CA LYS A 162 -2.00 8.24 -3.41
C LYS A 162 -2.90 9.24 -4.14
N GLY A 163 -4.23 9.05 -4.02
CA GLY A 163 -5.15 9.93 -4.71
C GLY A 163 -5.71 11.09 -3.90
N PHE A 164 -5.05 11.44 -2.80
CA PHE A 164 -5.52 12.53 -1.95
C PHE A 164 -4.73 13.83 -2.16
N SER A 165 -5.42 14.96 -1.95
CA SER A 165 -4.84 16.31 -2.07
C SER A 165 -5.75 17.32 -1.41
N ALA A 166 -6.31 16.95 -0.26
CA ALA A 166 -7.20 17.84 0.47
C ALA A 166 -6.33 18.93 1.09
N ASP A 167 -6.77 20.19 0.99
CA ASP A 167 -5.97 21.25 1.57
C ASP A 167 -6.32 21.39 3.04
N GLY A 168 -5.41 21.96 3.81
CA GLY A 168 -5.69 22.15 5.23
C GLY A 168 -5.45 20.92 6.07
N VAL A 169 -4.77 19.93 5.52
CA VAL A 169 -4.48 18.71 6.28
C VAL A 169 -3.00 18.51 6.56
N GLU A 170 -2.16 18.70 5.54
CA GLU A 170 -0.72 18.49 5.67
C GLU A 170 -0.11 19.44 6.67
N GLY A 171 0.73 18.92 7.55
CA GLY A 171 1.37 19.76 8.55
C GLY A 171 0.53 19.91 9.79
N HIS A 172 -0.71 19.42 9.74
CA HIS A 172 -1.63 19.49 10.87
C HIS A 172 -1.72 18.17 11.63
N ASN A 173 -2.25 18.22 12.86
CA ASN A 173 -2.42 17.02 13.64
C ASN A 173 -3.75 16.42 13.24
N VAL A 174 -3.71 15.36 12.44
CA VAL A 174 -4.90 14.66 12.00
C VAL A 174 -5.87 14.21 13.12
N ALA A 175 -5.32 13.71 14.24
CA ALA A 175 -6.15 13.24 15.34
C ALA A 175 -7.04 14.36 15.87
N GLU A 176 -6.52 15.58 15.86
CA GLU A 176 -7.29 16.69 16.36
C GLU A 176 -8.31 17.10 15.33
N LEU A 177 -7.94 17.01 14.06
CA LEU A 177 -8.88 17.34 13.00
C LEU A 177 -10.11 16.46 13.20
N LEU A 178 -9.93 15.15 13.23
CA LEU A 178 -11.05 14.23 13.40
C LEU A 178 -11.80 14.52 14.69
N GLN A 179 -11.05 14.63 15.79
CA GLN A 179 -11.64 14.91 17.09
C GLN A 179 -12.53 16.18 17.09
N THR A 180 -12.20 17.18 16.27
CA THR A 180 -12.97 18.41 16.18
C THR A 180 -14.31 18.10 15.52
N GLU A 181 -14.25 17.58 14.30
CA GLU A 181 -15.46 17.23 13.54
C GLU A 181 -16.34 16.25 14.32
N LEU A 182 -15.74 15.30 15.03
CA LEU A 182 -16.51 14.35 15.82
C LEU A 182 -17.32 15.12 16.87
N ASP A 183 -16.67 16.09 17.50
CA ASP A 183 -17.31 16.92 18.53
C ASP A 183 -18.45 17.76 17.90
N LYS A 184 -18.20 18.32 16.72
CA LYS A 184 -19.18 19.14 16.01
C LYS A 184 -20.36 18.27 15.57
N ARG A 185 -20.34 16.98 15.92
CA ARG A 185 -21.44 16.07 15.58
C ARG A 185 -21.93 15.39 16.86
N GLU A 186 -21.62 16.00 17.99
CA GLU A 186 -22.05 15.48 19.28
C GLU A 186 -21.81 13.99 19.52
N LEU A 187 -20.71 13.47 19.01
CA LEU A 187 -20.39 12.07 19.21
C LEU A 187 -19.41 11.96 20.38
N ASN A 188 -19.70 11.09 21.34
CA ASN A 188 -18.81 10.93 22.48
C ASN A 188 -17.60 10.05 22.16
N VAL A 189 -16.65 10.57 21.38
CA VAL A 189 -15.45 9.81 21.04
C VAL A 189 -14.26 10.26 21.88
N LYS A 190 -14.07 9.58 23.00
CA LYS A 190 -13.03 9.88 23.99
C LYS A 190 -11.58 10.03 23.50
N CYS A 191 -11.04 8.97 22.94
CA CYS A 191 -9.66 8.96 22.48
C CYS A 191 -9.58 8.64 20.99
N VAL A 192 -8.40 8.77 20.43
CA VAL A 192 -8.15 8.49 19.03
C VAL A 192 -6.67 8.15 18.99
N ALA A 193 -6.38 6.94 18.55
CA ALA A 193 -5.03 6.47 18.43
C ALA A 193 -4.84 6.49 16.93
N VAL A 194 -3.77 7.12 16.47
CA VAL A 194 -3.51 7.17 15.06
C VAL A 194 -2.51 6.08 14.79
N VAL A 195 -2.91 5.16 13.93
CA VAL A 195 -2.10 4.04 13.54
C VAL A 195 -2.10 3.99 12.03
N ASN A 196 -0.96 3.63 11.46
CA ASN A 196 -0.82 3.48 10.01
C ASN A 196 -1.41 2.09 9.63
N ASP A 197 -1.79 1.88 8.38
CA ASP A 197 -2.34 0.57 8.04
C ASP A 197 -1.35 -0.57 8.23
N THR A 198 -0.08 -0.38 7.89
CA THR A 198 0.90 -1.45 8.07
C THR A 198 0.96 -1.86 9.53
N VAL A 199 1.02 -0.85 10.40
CA VAL A 199 1.08 -1.06 11.86
C VAL A 199 -0.18 -1.81 12.30
N GLY A 200 -1.34 -1.36 11.82
CA GLY A 200 -2.59 -2.02 12.16
C GLY A 200 -2.55 -3.47 11.71
N THR A 201 -2.00 -3.72 10.53
CA THR A 201 -1.90 -5.08 10.00
C THR A 201 -0.96 -5.92 10.88
N LEU A 202 0.22 -5.41 11.21
CA LEU A 202 1.16 -6.15 12.06
C LEU A 202 0.43 -6.56 13.34
N ALA A 203 -0.39 -5.67 13.90
CA ALA A 203 -1.16 -5.98 15.12
C ALA A 203 -2.21 -7.09 14.90
N SER A 204 -3.03 -7.00 13.86
CA SER A 204 -4.03 -8.06 13.62
C SER A 204 -3.33 -9.40 13.48
N CYS A 205 -2.15 -9.34 12.86
CA CYS A 205 -1.34 -10.52 12.63
C CYS A 205 -0.70 -11.10 13.88
N ALA A 206 -0.20 -10.24 14.78
CA ALA A 206 0.44 -10.68 16.02
C ALA A 206 -0.60 -11.33 16.94
N LEU A 207 -1.79 -10.73 17.00
CA LEU A 207 -2.90 -11.23 17.80
C LEU A 207 -3.21 -12.68 17.52
N GLU A 208 -2.90 -13.12 16.31
CA GLU A 208 -3.14 -14.51 15.89
C GLU A 208 -1.84 -15.32 15.95
N ASP A 209 -0.82 -14.84 15.25
CA ASP A 209 0.48 -15.51 15.20
C ASP A 209 1.47 -14.77 16.07
N PRO A 210 2.03 -15.45 17.08
CA PRO A 210 3.03 -14.89 18.02
C PRO A 210 4.37 -14.51 17.38
N LYS A 211 4.62 -15.03 16.17
CA LYS A 211 5.86 -14.81 15.46
C LYS A 211 5.83 -13.70 14.41
N CYS A 212 4.69 -13.05 14.26
CA CYS A 212 4.57 -11.98 13.28
C CYS A 212 5.33 -10.72 13.68
N ALA A 213 6.36 -10.38 12.91
CA ALA A 213 7.15 -9.19 13.21
C ALA A 213 7.11 -8.15 12.08
N VAL A 214 6.34 -8.42 11.03
CA VAL A 214 6.22 -7.51 9.88
C VAL A 214 4.77 -7.33 9.45
N GLY A 215 4.44 -6.19 8.89
CA GLY A 215 3.09 -5.94 8.43
C GLY A 215 3.19 -5.35 7.04
N LEU A 216 2.97 -6.17 6.02
CA LEU A 216 3.09 -5.72 4.63
C LEU A 216 1.79 -5.33 3.93
N ILE A 217 1.80 -4.19 3.26
CA ILE A 217 0.63 -3.72 2.51
C ILE A 217 0.96 -3.58 1.02
N VAL A 218 0.36 -4.40 0.19
CA VAL A 218 0.56 -4.32 -1.24
C VAL A 218 -0.82 -4.20 -1.91
N GLY A 219 -1.38 -3.00 -1.82
CA GLY A 219 -2.71 -2.75 -2.37
C GLY A 219 -2.71 -1.49 -3.20
N THR A 220 -3.60 -0.55 -2.90
CA THR A 220 -3.64 0.71 -3.65
C THR A 220 -2.24 1.34 -3.58
N GLY A 221 -1.56 1.03 -2.48
CA GLY A 221 -0.22 1.50 -2.23
C GLY A 221 0.62 0.45 -1.50
N THR A 222 1.94 0.59 -1.53
CA THR A 222 2.80 -0.37 -0.87
C THR A 222 3.56 0.29 0.27
N ASN A 223 3.74 -0.48 1.34
CA ASN A 223 4.45 -0.02 2.53
C ASN A 223 4.56 -1.19 3.50
N VAL A 224 5.59 -1.18 4.34
CA VAL A 224 5.81 -2.23 5.31
C VAL A 224 6.11 -1.58 6.66
N ALA A 225 5.89 -2.34 7.72
CA ALA A 225 6.15 -1.88 9.07
C ALA A 225 6.74 -3.11 9.72
N TYR A 226 7.67 -2.92 10.64
CA TYR A 226 8.30 -4.07 11.30
C TYR A 226 8.71 -3.73 12.75
N ILE A 227 8.93 -4.75 13.58
CA ILE A 227 9.35 -4.47 14.96
C ILE A 227 10.86 -4.21 14.97
N GLU A 228 11.27 -3.11 15.60
CA GLU A 228 12.68 -2.73 15.67
C GLU A 228 13.19 -2.50 17.08
N ASP A 229 14.51 -2.47 17.20
CA ASP A 229 15.27 -2.24 18.42
C ASP A 229 15.16 -0.72 18.69
N SER A 230 14.47 -0.33 19.75
CA SER A 230 14.34 1.09 20.06
C SER A 230 15.62 1.76 20.52
N SER A 231 16.76 1.09 20.34
CA SER A 231 18.05 1.67 20.72
C SER A 231 18.63 2.30 19.48
N LYS A 232 18.09 1.85 18.33
CA LYS A 232 18.50 2.32 17.02
C LYS A 232 17.61 3.43 16.50
N VAL A 233 16.36 3.49 16.95
CA VAL A 233 15.47 4.55 16.47
C VAL A 233 15.83 5.85 17.18
N GLU A 234 16.91 6.48 16.74
CA GLU A 234 17.39 7.71 17.38
C GLU A 234 16.41 8.87 17.53
N LEU A 235 15.51 9.03 16.57
CA LEU A 235 14.54 10.11 16.63
C LEU A 235 13.58 9.86 17.77
N MET A 236 13.51 8.64 18.28
CA MET A 236 12.61 8.33 19.36
C MET A 236 13.20 8.77 20.70
N ASP A 237 14.48 9.14 20.70
CA ASP A 237 15.19 9.55 21.92
C ASP A 237 15.48 8.33 22.79
N GLY A 238 16.21 8.55 23.89
CA GLY A 238 16.54 7.44 24.79
C GLY A 238 15.29 6.89 25.45
N VAL A 239 14.76 5.81 24.91
CA VAL A 239 13.54 5.24 25.45
C VAL A 239 13.72 4.15 26.52
N LYS A 240 12.61 3.58 26.98
CA LYS A 240 12.65 2.57 28.04
C LYS A 240 12.31 1.15 27.63
N GLU A 241 11.35 1.01 26.71
CA GLU A 241 10.94 -0.31 26.23
C GLU A 241 11.92 -0.73 25.13
N PRO A 242 12.20 -2.02 25.04
CA PRO A 242 13.14 -2.50 24.04
C PRO A 242 12.82 -2.25 22.59
N GLU A 243 11.55 -2.28 22.22
CA GLU A 243 11.15 -2.13 20.82
C GLU A 243 10.04 -1.14 20.46
N VAL A 244 9.91 -0.91 19.17
CA VAL A 244 8.91 -0.01 18.58
C VAL A 244 8.61 -0.43 17.14
N VAL A 245 7.34 -0.35 16.76
CA VAL A 245 6.97 -0.71 15.41
C VAL A 245 7.35 0.47 14.56
N ILE A 246 8.19 0.24 13.56
CA ILE A 246 8.62 1.31 12.67
C ILE A 246 7.79 1.33 11.39
N ASN A 247 7.34 2.51 10.99
CA ASN A 247 6.58 2.67 9.76
C ASN A 247 7.62 3.16 8.75
N THR A 248 8.12 2.21 7.95
CA THR A 248 9.16 2.47 6.97
C THR A 248 8.77 3.54 5.99
N GLU A 249 7.59 3.40 5.40
CA GLU A 249 7.07 4.34 4.43
C GLU A 249 8.06 4.31 3.23
N TRP A 250 8.28 3.09 2.75
CA TRP A 250 9.18 2.78 1.65
C TRP A 250 8.69 3.15 0.27
N GLY A 251 7.43 3.57 0.17
CA GLY A 251 6.92 3.98 -1.12
C GLY A 251 7.80 5.11 -1.63
N ALA A 252 8.36 5.86 -0.69
CA ALA A 252 9.22 6.97 -1.04
C ALA A 252 10.62 6.59 -1.53
N PHE A 253 10.97 5.30 -1.55
CA PHE A 253 12.29 4.92 -2.02
C PHE A 253 12.46 5.41 -3.46
N GLY A 254 13.69 5.75 -3.82
CA GLY A 254 13.95 6.26 -5.15
C GLY A 254 13.87 7.77 -5.20
N GLU A 255 13.28 8.42 -4.19
CA GLU A 255 13.17 9.87 -4.17
C GLU A 255 14.48 10.63 -4.16
N LYS A 256 15.59 9.93 -3.91
CA LYS A 256 16.92 10.53 -3.93
C LYS A 256 17.79 9.93 -5.04
N GLY A 257 17.14 9.37 -6.05
CA GLY A 257 17.85 8.81 -7.19
C GLY A 257 18.36 7.40 -7.05
N GLU A 258 17.88 6.67 -6.04
CA GLU A 258 18.31 5.28 -5.78
C GLU A 258 17.83 4.24 -6.80
N LEU A 259 16.72 4.47 -7.46
CA LEU A 259 16.23 3.50 -8.43
C LEU A 259 16.37 4.00 -9.87
N ASP A 260 17.26 4.98 -10.05
CA ASP A 260 17.49 5.62 -11.36
C ASP A 260 18.01 4.76 -12.49
N CYS A 261 18.50 3.58 -12.19
CA CYS A 261 19.02 2.71 -13.23
C CYS A 261 17.94 1.74 -13.69
N TRP A 262 16.98 1.50 -12.81
CA TRP A 262 15.92 0.56 -13.06
C TRP A 262 14.59 1.16 -13.48
N ARG A 263 14.46 2.48 -13.36
CA ARG A 263 13.24 3.15 -13.77
C ARG A 263 13.30 3.38 -15.28
N THR A 264 12.22 3.02 -15.98
CA THR A 264 12.09 3.17 -17.43
C THR A 264 11.33 4.44 -17.79
N GLN A 265 11.18 4.70 -19.08
CA GLN A 265 10.48 5.90 -19.55
C GLN A 265 8.97 5.88 -19.27
N PHE A 266 8.44 4.67 -19.16
CA PHE A 266 7.03 4.48 -18.88
C PHE A 266 6.79 4.85 -17.42
N ASP A 267 7.79 4.58 -16.60
CA ASP A 267 7.75 4.90 -15.18
C ASP A 267 7.83 6.42 -15.01
N LYS A 268 8.59 7.06 -15.88
CA LYS A 268 8.79 8.51 -15.84
C LYS A 268 7.61 9.29 -16.37
N SER A 269 7.02 8.87 -17.49
CA SER A 269 5.88 9.59 -18.03
C SER A 269 4.60 9.28 -17.26
N MET A 270 4.61 8.18 -16.50
CA MET A 270 3.48 7.78 -15.66
C MET A 270 3.60 8.68 -14.43
N ASP A 271 4.81 8.76 -13.90
CA ASP A 271 5.10 9.60 -12.74
C ASP A 271 4.85 11.10 -13.04
N ILE A 272 5.47 11.61 -14.11
CA ILE A 272 5.29 13.00 -14.51
C ILE A 272 3.80 13.44 -14.50
N ASP A 273 2.93 12.57 -14.99
CA ASP A 273 1.50 12.83 -15.15
C ASP A 273 0.64 12.44 -13.94
N SER A 274 1.30 12.00 -12.85
CA SER A 274 0.59 11.59 -11.64
C SER A 274 0.12 12.78 -10.81
N LEU A 275 -0.59 12.51 -9.73
CA LEU A 275 -1.13 13.55 -8.84
C LEU A 275 -0.03 14.35 -8.13
N HIS A 276 0.91 13.64 -7.50
CA HIS A 276 2.03 14.27 -6.80
C HIS A 276 3.28 13.80 -7.51
N PRO A 277 3.71 14.51 -8.57
CA PRO A 277 4.92 14.16 -9.35
C PRO A 277 6.25 14.09 -8.61
N GLY A 278 7.00 13.01 -8.84
CA GLY A 278 8.30 12.81 -8.23
C GLY A 278 8.28 12.21 -6.83
N LYS A 279 7.09 11.99 -6.30
CA LYS A 279 6.96 11.44 -4.96
C LYS A 279 6.47 10.00 -5.02
N GLN A 280 7.02 9.14 -4.16
CA GLN A 280 6.67 7.72 -4.04
C GLN A 280 7.12 6.92 -5.24
N LEU A 281 8.34 7.16 -5.68
CA LEU A 281 8.90 6.49 -6.85
C LEU A 281 8.95 4.95 -6.81
N TYR A 282 9.21 4.38 -5.65
CA TYR A 282 9.24 2.93 -5.55
C TYR A 282 7.81 2.41 -5.59
N GLU A 283 6.89 3.10 -4.92
CA GLU A 283 5.50 2.67 -4.88
C GLU A 283 4.87 2.59 -6.26
N LYS A 284 5.19 3.56 -7.10
CA LYS A 284 4.65 3.63 -8.43
C LYS A 284 5.09 2.47 -9.33
N MET A 285 6.10 1.72 -8.88
CA MET A 285 6.61 0.57 -9.64
C MET A 285 5.95 -0.69 -9.13
N VAL A 286 5.38 -0.62 -7.93
CA VAL A 286 4.75 -1.75 -7.24
C VAL A 286 3.23 -1.82 -6.99
N SER A 287 2.65 -0.76 -6.46
CA SER A 287 1.23 -0.74 -6.10
C SER A 287 0.12 -0.80 -7.15
N GLY A 288 -1.04 -1.22 -6.67
CA GLY A 288 -2.23 -1.35 -7.48
C GLY A 288 -2.79 -0.09 -8.13
N MET A 289 -2.56 1.07 -7.56
CA MET A 289 -3.07 2.30 -8.16
C MET A 289 -2.27 2.68 -9.40
N TYR A 290 -1.04 2.20 -9.50
CA TYR A 290 -0.22 2.61 -10.63
C TYR A 290 0.14 1.55 -11.66
N LEU A 291 0.04 0.27 -11.31
CA LEU A 291 0.39 -0.77 -12.26
C LEU A 291 -0.42 -0.80 -13.54
N GLY A 292 -1.71 -0.47 -13.45
CA GLY A 292 -2.54 -0.45 -14.65
C GLY A 292 -2.13 0.71 -15.54
N GLU A 293 -1.76 1.81 -14.91
CA GLU A 293 -1.36 3.00 -15.65
C GLU A 293 -0.09 2.70 -16.42
N LEU A 294 0.74 1.79 -15.92
CA LEU A 294 1.98 1.47 -16.61
C LEU A 294 1.73 0.82 -17.96
N VAL A 295 0.79 -0.14 -17.99
CA VAL A 295 0.43 -0.82 -19.24
C VAL A 295 -0.25 0.13 -20.19
N ARG A 296 -0.98 1.09 -19.67
CA ARG A 296 -1.63 2.08 -20.53
C ARG A 296 -0.55 2.92 -21.19
N HIS A 297 0.42 3.37 -20.41
CA HIS A 297 1.51 4.18 -20.94
C HIS A 297 2.29 3.42 -22.00
N ILE A 298 2.58 2.16 -21.75
CA ILE A 298 3.29 1.36 -22.72
C ILE A 298 2.46 1.31 -24.00
N ILE A 299 1.18 0.96 -23.85
CA ILE A 299 0.25 0.88 -24.98
C ILE A 299 0.27 2.17 -25.78
N VAL A 300 -0.22 3.26 -25.19
CA VAL A 300 -0.21 4.55 -25.88
C VAL A 300 1.14 4.79 -26.64
N TYR A 301 2.26 4.38 -26.05
CA TYR A 301 3.56 4.53 -26.70
C TYR A 301 3.61 3.61 -27.92
N LEU A 302 3.24 2.34 -27.72
CA LEU A 302 3.23 1.34 -28.78
C LEU A 302 2.33 1.74 -29.93
N VAL A 303 1.26 2.47 -29.61
CA VAL A 303 0.33 2.91 -30.63
C VAL A 303 0.89 4.03 -31.50
N GLU A 304 1.71 4.91 -30.93
CA GLU A 304 2.27 5.96 -31.78
C GLU A 304 3.43 5.49 -32.61
N GLN A 305 3.96 4.32 -32.26
CA GLN A 305 5.02 3.72 -33.03
C GLN A 305 4.37 2.76 -34.03
N LYS A 306 3.05 2.83 -34.18
CA LYS A 306 2.32 1.96 -35.11
C LYS A 306 2.46 0.45 -34.81
N ILE A 307 2.85 0.11 -33.58
CA ILE A 307 3.02 -1.30 -33.20
C ILE A 307 1.75 -1.92 -32.61
N LEU A 308 0.74 -1.10 -32.35
CA LEU A 308 -0.55 -1.55 -31.81
C LEU A 308 -1.71 -0.83 -32.51
N PHE A 309 -2.84 -1.51 -32.57
CA PHE A 309 -4.06 -0.98 -33.19
C PHE A 309 -3.84 -0.16 -34.46
N ARG A 310 -2.89 -0.59 -35.29
CA ARG A 310 -2.57 0.11 -36.54
C ARG A 310 -2.36 1.60 -36.36
N GLY A 311 -1.95 2.00 -35.16
CA GLY A 311 -1.71 3.40 -34.88
C GLY A 311 -2.89 4.18 -34.34
N ASP A 312 -4.05 3.54 -34.22
CA ASP A 312 -5.23 4.20 -33.69
C ASP A 312 -5.33 3.99 -32.19
N LEU A 313 -5.63 5.08 -31.49
CA LEU A 313 -5.77 5.07 -30.04
C LEU A 313 -7.27 5.31 -29.78
N PRO A 314 -7.91 4.46 -28.96
CA PRO A 314 -9.33 4.59 -28.63
C PRO A 314 -9.57 5.72 -27.66
N GLU A 315 -10.74 6.37 -27.79
CA GLU A 315 -11.13 7.50 -26.93
C GLU A 315 -10.86 7.21 -25.46
N ARG A 316 -11.31 6.04 -25.01
CA ARG A 316 -11.16 5.58 -23.63
C ARG A 316 -9.73 5.70 -23.11
N LEU A 317 -8.79 5.04 -23.76
CA LEU A 317 -7.38 5.06 -23.37
C LEU A 317 -6.68 6.43 -23.50
N LYS A 318 -7.46 7.50 -23.63
CA LYS A 318 -6.92 8.84 -23.71
C LYS A 318 -7.08 9.43 -22.32
N VAL A 319 -8.17 9.02 -21.66
CA VAL A 319 -8.55 9.41 -20.29
C VAL A 319 -7.62 8.66 -19.31
N ARG A 320 -6.98 9.36 -18.40
CA ARG A 320 -6.10 8.67 -17.44
C ARG A 320 -6.93 7.73 -16.55
N ASN A 321 -6.28 6.66 -16.09
CA ASN A 321 -6.88 5.63 -15.23
C ASN A 321 -8.02 4.86 -15.90
N SER A 322 -8.02 4.81 -17.23
CA SER A 322 -9.06 4.13 -17.97
C SER A 322 -8.75 2.66 -18.08
N LEU A 323 -7.52 2.29 -17.75
CA LEU A 323 -7.06 0.92 -17.79
C LEU A 323 -6.70 0.60 -16.35
N LEU A 324 -7.70 0.10 -15.64
CA LEU A 324 -7.60 -0.26 -14.25
C LEU A 324 -6.64 -1.42 -14.07
N THR A 325 -6.06 -1.53 -12.87
CA THR A 325 -5.14 -2.63 -12.55
C THR A 325 -5.96 -3.91 -12.45
N ARG A 326 -7.24 -3.75 -12.15
CA ARG A 326 -8.14 -4.88 -12.01
C ARG A 326 -8.15 -5.71 -13.29
N TYR A 327 -8.00 -5.04 -14.43
CA TYR A 327 -7.99 -5.74 -15.70
C TYR A 327 -6.77 -6.67 -15.69
N LEU A 328 -5.64 -6.19 -15.15
CA LEU A 328 -4.42 -6.98 -15.12
C LEU A 328 -4.57 -8.32 -14.39
N THR A 329 -5.71 -8.46 -13.73
CA THR A 329 -6.05 -9.66 -12.99
C THR A 329 -6.50 -10.73 -13.98
N ASP A 330 -7.62 -10.49 -14.68
CA ASP A 330 -8.12 -11.49 -15.63
C ASP A 330 -7.08 -11.81 -16.70
N VAL A 331 -6.45 -10.77 -17.23
CA VAL A 331 -5.44 -10.91 -18.27
C VAL A 331 -4.36 -11.93 -17.93
N GLU A 332 -4.04 -12.05 -16.63
CA GLU A 332 -3.02 -12.97 -16.12
C GLU A 332 -3.32 -14.48 -16.16
N ARG A 333 -4.60 -14.84 -16.26
CA ARG A 333 -5.04 -16.24 -16.33
C ARG A 333 -4.96 -16.82 -17.74
N ASP A 334 -4.38 -16.08 -18.67
CA ASP A 334 -4.28 -16.53 -20.06
C ASP A 334 -3.14 -17.49 -20.39
N PRO A 335 -3.45 -18.67 -20.94
CA PRO A 335 -2.43 -19.64 -21.31
C PRO A 335 -1.72 -19.12 -22.56
N ALA A 336 -0.88 -19.98 -23.16
CA ALA A 336 -0.12 -19.66 -24.37
C ALA A 336 -0.99 -19.31 -25.59
N HIS A 337 -1.65 -20.33 -26.15
CA HIS A 337 -2.51 -20.14 -27.32
C HIS A 337 -3.88 -19.83 -26.77
N LEU A 338 -3.99 -18.74 -26.04
CA LEU A 338 -5.28 -18.42 -25.47
C LEU A 338 -5.31 -17.02 -24.83
N LEU A 339 -5.63 -16.04 -25.67
CA LEU A 339 -5.71 -14.67 -25.23
C LEU A 339 -7.17 -14.22 -25.12
N TYR A 340 -7.97 -14.98 -24.38
CA TYR A 340 -9.38 -14.66 -24.21
C TYR A 340 -9.63 -13.48 -23.28
N ASN A 341 -9.06 -13.54 -22.08
CA ASN A 341 -9.25 -12.45 -21.12
C ASN A 341 -8.65 -11.14 -21.61
N THR A 342 -7.54 -11.23 -22.33
CA THR A 342 -6.88 -10.04 -22.87
C THR A 342 -7.81 -9.47 -23.91
N HIS A 343 -8.20 -10.32 -24.85
CA HIS A 343 -9.10 -9.95 -25.94
C HIS A 343 -10.36 -9.24 -25.43
N TYR A 344 -11.07 -9.89 -24.52
CA TYR A 344 -12.27 -9.29 -23.97
C TYR A 344 -11.97 -7.93 -23.37
N MET A 345 -10.80 -7.77 -22.77
CA MET A 345 -10.44 -6.50 -22.14
C MET A 345 -10.37 -5.36 -23.12
N LEU A 346 -9.59 -5.56 -24.18
CA LEU A 346 -9.42 -4.55 -25.20
C LEU A 346 -10.76 -4.09 -25.78
N THR A 347 -11.61 -5.04 -26.15
CA THR A 347 -12.91 -4.76 -26.76
C THR A 347 -14.03 -4.32 -25.80
N ASP A 348 -14.16 -5.05 -24.70
CA ASP A 348 -15.18 -4.78 -23.72
C ASP A 348 -14.92 -3.71 -22.64
N ASP A 349 -13.79 -3.81 -21.95
CA ASP A 349 -13.50 -2.84 -20.92
C ASP A 349 -13.01 -1.55 -21.56
N LEU A 350 -12.04 -1.64 -22.46
CA LEU A 350 -11.48 -0.46 -23.13
C LEU A 350 -12.19 -0.07 -24.45
N HIS A 351 -13.16 -0.87 -24.86
CA HIS A 351 -13.89 -0.59 -26.09
C HIS A 351 -13.00 -0.36 -27.34
N VAL A 352 -11.78 -0.88 -27.37
CA VAL A 352 -10.95 -0.69 -28.56
C VAL A 352 -11.80 -1.17 -29.75
N PRO A 353 -11.98 -0.32 -30.77
CA PRO A 353 -12.75 -0.54 -32.01
C PRO A 353 -12.44 -1.80 -32.85
N VAL A 354 -11.24 -1.87 -33.42
CA VAL A 354 -10.82 -3.01 -34.22
C VAL A 354 -9.62 -3.61 -33.49
N VAL A 355 -9.69 -4.90 -33.18
CA VAL A 355 -8.61 -5.59 -32.46
C VAL A 355 -8.10 -6.84 -33.16
N GLU A 356 -6.79 -7.07 -33.07
CA GLU A 356 -6.14 -8.23 -33.71
C GLU A 356 -5.34 -9.11 -32.75
N PRO A 357 -5.13 -10.37 -33.12
CA PRO A 357 -4.36 -11.32 -32.31
C PRO A 357 -3.02 -10.74 -31.85
N ILE A 358 -2.30 -10.04 -32.74
CA ILE A 358 -1.04 -9.45 -32.32
C ILE A 358 -1.25 -8.48 -31.17
N ASP A 359 -2.31 -7.69 -31.26
CA ASP A 359 -2.59 -6.69 -30.24
C ASP A 359 -2.80 -7.35 -28.89
N ASN A 360 -3.58 -8.43 -28.90
CA ASN A 360 -3.88 -9.18 -27.69
C ASN A 360 -2.59 -9.76 -27.14
N ARG A 361 -1.82 -10.42 -28.00
CA ARG A 361 -0.54 -11.01 -27.60
C ARG A 361 0.41 -9.94 -27.03
N ILE A 362 0.60 -8.86 -27.79
CA ILE A 362 1.45 -7.74 -27.37
C ILE A 362 0.98 -7.18 -26.03
N VAL A 363 -0.33 -7.01 -25.85
CA VAL A 363 -0.87 -6.47 -24.60
C VAL A 363 -0.73 -7.38 -23.38
N ARG A 364 -0.86 -8.70 -23.55
CA ARG A 364 -0.72 -9.62 -22.41
C ARG A 364 0.75 -9.66 -21.95
N TYR A 365 1.67 -9.43 -22.89
CA TYR A 365 3.08 -9.42 -22.57
C TYR A 365 3.38 -8.15 -21.79
N ALA A 366 2.78 -7.03 -22.20
CA ALA A 366 2.98 -5.78 -21.50
C ALA A 366 2.53 -5.93 -20.04
N CYS A 367 1.37 -6.55 -19.82
CA CYS A 367 0.84 -6.81 -18.46
C CYS A 367 1.80 -7.67 -17.64
N GLU A 368 2.10 -8.86 -18.15
CA GLU A 368 3.03 -9.81 -17.52
C GLU A 368 4.34 -9.13 -17.09
N MET A 369 4.92 -8.33 -17.98
CA MET A 369 6.17 -7.63 -17.68
C MET A 369 5.99 -6.75 -16.47
N VAL A 370 5.00 -5.87 -16.54
CA VAL A 370 4.72 -4.95 -15.46
C VAL A 370 4.39 -5.62 -14.15
N VAL A 371 3.53 -6.61 -14.19
CA VAL A 371 3.10 -7.32 -12.98
C VAL A 371 4.17 -8.22 -12.38
N LYS A 372 5.04 -8.75 -13.23
CA LYS A 372 6.14 -9.63 -12.79
C LYS A 372 7.16 -8.85 -11.96
N ARG A 373 7.57 -7.70 -12.47
CA ARG A 373 8.54 -6.85 -11.80
C ARG A 373 7.95 -6.25 -10.52
N ALA A 374 6.65 -6.02 -10.52
CA ALA A 374 5.96 -5.45 -9.38
C ALA A 374 6.15 -6.37 -8.19
N ALA A 375 5.73 -7.63 -8.36
CA ALA A 375 5.83 -8.64 -7.30
C ALA A 375 7.27 -8.77 -6.82
N TYR A 376 8.18 -9.00 -7.76
CA TYR A 376 9.58 -9.12 -7.42
C TYR A 376 10.10 -7.93 -6.62
N LEU A 377 9.64 -6.73 -6.95
CA LEU A 377 10.10 -5.56 -6.21
C LEU A 377 9.68 -5.64 -4.73
N ALA A 378 8.42 -5.99 -4.46
CA ALA A 378 7.92 -6.10 -3.08
C ALA A 378 8.70 -7.22 -2.39
N GLY A 379 8.98 -8.26 -3.18
CA GLY A 379 9.73 -9.41 -2.70
C GLY A 379 11.13 -9.02 -2.26
N ALA A 380 11.77 -8.12 -2.99
CA ALA A 380 13.11 -7.70 -2.62
C ALA A 380 12.95 -6.99 -1.29
N GLY A 381 11.95 -6.12 -1.21
CA GLY A 381 11.70 -5.36 0.01
C GLY A 381 11.54 -6.23 1.25
N ILE A 382 10.80 -7.33 1.17
CA ILE A 382 10.65 -8.17 2.36
C ILE A 382 11.99 -8.79 2.67
N ALA A 383 12.74 -9.18 1.65
CA ALA A 383 14.05 -9.78 1.89
C ALA A 383 14.93 -8.78 2.59
N CYS A 384 14.66 -7.50 2.39
CA CYS A 384 15.44 -6.46 3.03
C CYS A 384 15.03 -6.31 4.48
N ILE A 385 13.74 -6.45 4.75
CA ILE A 385 13.19 -6.36 6.10
C ILE A 385 13.72 -7.52 6.93
N LEU A 386 13.64 -8.72 6.35
CA LEU A 386 14.13 -9.93 7.00
C LEU A 386 15.63 -9.81 7.31
N ARG A 387 16.35 -9.05 6.49
CA ARG A 387 17.77 -8.83 6.70
C ARG A 387 18.02 -7.82 7.81
N ARG A 388 16.99 -7.06 8.15
CA ARG A 388 17.06 -6.07 9.21
C ARG A 388 16.53 -6.70 10.49
N ILE A 389 15.27 -7.09 10.51
CA ILE A 389 14.69 -7.75 11.68
C ILE A 389 15.68 -8.82 12.21
N ASN A 390 16.22 -9.61 11.29
CA ASN A 390 17.21 -10.64 11.61
C ASN A 390 16.71 -11.86 12.43
N ARG A 391 15.48 -11.81 12.91
CA ARG A 391 14.91 -12.91 13.68
C ARG A 391 14.98 -14.15 12.79
N SER A 392 15.17 -15.32 13.39
CA SER A 392 15.26 -16.55 12.63
C SER A 392 13.90 -17.12 12.22
N GLU A 393 12.81 -16.58 12.77
CA GLU A 393 11.46 -17.03 12.44
C GLU A 393 10.51 -15.84 12.32
N VAL A 394 10.30 -15.38 11.10
CA VAL A 394 9.46 -14.23 10.85
C VAL A 394 8.14 -14.54 10.15
N THR A 395 7.03 -14.18 10.79
CA THR A 395 5.70 -14.33 10.20
C THR A 395 5.41 -12.92 9.66
N VAL A 396 5.01 -12.83 8.39
CA VAL A 396 4.74 -11.56 7.73
C VAL A 396 3.25 -11.39 7.49
N GLY A 397 2.65 -10.33 7.99
CA GLY A 397 1.22 -10.12 7.81
C GLY A 397 0.93 -9.33 6.55
N VAL A 398 0.23 -9.90 5.57
CA VAL A 398 -0.04 -9.15 4.32
C VAL A 398 -1.47 -8.67 4.14
N ASP A 399 -1.65 -7.73 3.22
CA ASP A 399 -2.98 -7.23 2.89
C ASP A 399 -2.81 -6.39 1.64
N GLY A 400 -3.88 -6.23 0.88
CA GLY A 400 -3.84 -5.45 -0.34
C GLY A 400 -4.31 -6.22 -1.56
N SER A 401 -5.08 -5.55 -2.40
CA SER A 401 -5.63 -6.12 -3.62
C SER A 401 -4.65 -6.91 -4.43
N LEU A 402 -3.41 -6.43 -4.49
CA LEU A 402 -2.42 -7.12 -5.27
C LEU A 402 -2.19 -8.53 -4.78
N TYR A 403 -2.01 -8.67 -3.48
CA TYR A 403 -1.79 -9.95 -2.87
C TYR A 403 -3.05 -10.78 -3.10
N LYS A 404 -4.20 -10.22 -2.74
CA LYS A 404 -5.48 -10.89 -2.84
C LYS A 404 -6.05 -11.31 -4.19
N PHE A 405 -6.27 -10.34 -5.06
CA PHE A 405 -6.89 -10.55 -6.35
C PHE A 405 -6.00 -10.90 -7.53
N HIS A 406 -4.69 -10.98 -7.33
CA HIS A 406 -3.81 -11.25 -8.46
C HIS A 406 -3.13 -12.61 -8.59
N PRO A 407 -3.46 -13.35 -9.66
CA PRO A 407 -2.90 -14.68 -9.95
C PRO A 407 -1.40 -14.59 -10.12
N LYS A 408 -0.67 -15.31 -9.28
CA LYS A 408 0.79 -15.33 -9.29
C LYS A 408 1.52 -14.22 -8.50
N PHE A 409 0.83 -13.17 -8.06
CA PHE A 409 1.54 -12.13 -7.31
C PHE A 409 2.32 -12.63 -6.08
N CYS A 410 1.62 -13.23 -5.12
CA CYS A 410 2.29 -13.75 -3.93
C CYS A 410 3.17 -14.91 -4.34
N GLU A 411 2.74 -15.61 -5.38
CA GLU A 411 3.45 -16.76 -5.90
C GLU A 411 4.86 -16.36 -6.33
N ARG A 412 4.99 -15.19 -6.95
CA ARG A 412 6.28 -14.69 -7.42
C ARG A 412 7.05 -13.88 -6.38
N MET A 413 6.37 -12.99 -5.68
CA MET A 413 6.98 -12.18 -4.62
C MET A 413 7.84 -13.10 -3.73
N THR A 414 7.20 -14.13 -3.17
CA THR A 414 7.83 -15.13 -2.31
C THR A 414 9.10 -15.71 -2.95
N ASP A 415 9.05 -16.00 -4.24
CA ASP A 415 10.24 -16.54 -4.88
C ASP A 415 11.38 -15.54 -4.76
N MET A 416 11.08 -14.23 -4.90
CA MET A 416 12.15 -13.26 -4.80
C MET A 416 12.69 -13.16 -3.37
N VAL A 417 11.79 -13.11 -2.37
CA VAL A 417 12.22 -13.04 -0.97
C VAL A 417 13.04 -14.28 -0.67
N ASP A 418 12.80 -15.35 -1.42
CA ASP A 418 13.50 -16.59 -1.22
C ASP A 418 14.95 -16.58 -1.70
N LYS A 419 15.23 -15.88 -2.78
CA LYS A 419 16.61 -15.82 -3.29
C LYS A 419 17.45 -14.79 -2.53
N LEU A 420 16.78 -13.89 -1.81
CA LEU A 420 17.45 -12.82 -1.07
C LEU A 420 17.33 -12.83 0.46
N LYS A 421 16.49 -13.71 1.00
CA LYS A 421 16.34 -13.72 2.45
C LYS A 421 17.53 -14.36 3.12
N PRO A 422 17.75 -14.08 4.43
CA PRO A 422 18.88 -14.68 5.15
C PRO A 422 18.67 -16.21 5.08
N LYS A 423 19.68 -16.93 4.60
CA LYS A 423 19.59 -18.37 4.45
C LYS A 423 19.06 -19.13 5.68
N ASN A 424 19.20 -18.55 6.87
CA ASN A 424 18.75 -19.22 8.07
C ASN A 424 17.46 -18.64 8.61
N THR A 425 16.80 -17.78 7.84
CA THR A 425 15.54 -17.21 8.30
C THR A 425 14.45 -18.09 7.73
N ARG A 426 13.42 -18.35 8.51
CA ARG A 426 12.30 -19.12 8.01
C ARG A 426 11.21 -18.07 8.12
N PHE A 427 10.45 -17.89 7.05
CA PHE A 427 9.38 -16.88 7.07
C PHE A 427 8.16 -17.42 6.36
N CYS A 428 7.02 -16.79 6.58
CA CYS A 428 5.80 -17.18 5.87
C CYS A 428 4.76 -16.08 5.83
N LEU A 429 4.23 -15.82 4.63
CA LEU A 429 3.21 -14.79 4.45
C LEU A 429 1.85 -15.26 4.97
N ARG A 430 1.32 -14.57 5.97
CA ARG A 430 0.03 -14.90 6.56
C ARG A 430 -0.91 -13.73 6.28
N LEU A 431 -1.88 -13.94 5.38
CA LEU A 431 -2.84 -12.88 5.03
C LEU A 431 -3.60 -12.40 6.26
N SER A 432 -3.75 -11.09 6.38
CA SER A 432 -4.45 -10.47 7.49
C SER A 432 -5.97 -10.37 7.22
N GLU A 433 -6.62 -11.52 7.31
CA GLU A 433 -8.04 -11.68 7.04
C GLU A 433 -9.02 -10.61 7.50
N ASP A 434 -9.00 -10.27 8.79
CA ASP A 434 -9.95 -9.30 9.36
C ASP A 434 -9.53 -7.83 9.28
N GLY A 435 -8.59 -7.54 8.40
CA GLY A 435 -8.12 -6.17 8.21
C GLY A 435 -7.48 -5.48 9.40
N SER A 436 -7.18 -4.20 9.23
CA SER A 436 -6.55 -3.40 10.27
C SER A 436 -7.48 -3.07 11.43
N GLY A 437 -8.80 -3.18 11.20
CA GLY A 437 -9.77 -2.89 12.26
C GLY A 437 -9.49 -3.62 13.57
N LYS A 438 -9.61 -4.95 13.58
CA LYS A 438 -9.36 -5.74 14.79
C LYS A 438 -7.98 -5.45 15.39
N GLY A 439 -7.03 -5.10 14.53
CA GLY A 439 -5.67 -4.79 14.96
C GLY A 439 -5.54 -3.40 15.53
N ALA A 440 -6.25 -2.43 14.95
CA ALA A 440 -6.19 -1.06 15.45
C ALA A 440 -6.93 -0.94 16.79
N ALA A 441 -8.02 -1.69 16.95
CA ALA A 441 -8.82 -1.65 18.18
C ALA A 441 -8.04 -2.13 19.40
N ALA A 442 -7.35 -3.27 19.29
CA ALA A 442 -6.52 -3.75 20.40
C ALA A 442 -5.55 -2.62 20.74
N ILE A 443 -4.91 -2.02 19.73
CA ILE A 443 -4.00 -0.92 20.02
C ILE A 443 -4.73 0.19 20.79
N ALA A 444 -5.91 0.57 20.30
CA ALA A 444 -6.70 1.60 20.96
C ALA A 444 -6.93 1.24 22.45
N ALA A 445 -7.08 -0.05 22.74
CA ALA A 445 -7.30 -0.53 24.11
C ALA A 445 -6.32 0.04 25.17
N SER A 446 -5.30 0.76 24.72
CA SER A 446 -4.31 1.38 25.60
C SER A 446 -4.24 2.87 25.23
N CYS A 447 -4.27 3.14 23.92
CA CYS A 447 -4.20 4.49 23.37
C CYS A 447 -2.93 5.24 23.76
#